data_2DCD
#
_entry.id   2DCD
#
_cell.length_a   72.260
_cell.length_b   72.260
_cell.length_c   140.000
_cell.angle_alpha   90.00
_cell.angle_beta   90.00
_cell.angle_gamma   90.00
#
_symmetry.space_group_name_H-M   'P 43 21 2'
#
loop_
_entity.id
_entity.type
_entity.pdbx_description
1 polymer 'CATHEPSIN B'
2 non-polymer 'PHOSPHATE ION'
3 non-polymer N-({(2S,3S)-3-[(BENZYLAMINO)CARBONYL]OXIRAN-2-YL}CARBONYL)-L-ISOLEUCYL-L-PROLINE
4 non-polymer GLYCEROL
5 water water
#
_entity_poly.entity_id   1
_entity_poly.type   'polypeptide(L)'
_entity_poly.pdbx_seq_one_letter_code
;LPESFDAREQWPNCPTIKEIRDQGSCGSCWAFGAVEAISDRICIHSNGRVNVEVSAEDMLTCCGGECGDGCNGGFPSGAW
NFWTKKGLVSGGLYNSHVGCRPYSIPPCEHHVNGSRPPCTGEGDTPKCSKTCEPGYSPSYKEDKHFGCSSYSVANNEKEI
MAEIYKNGPVEGAFSVYSDFLLYKSGVYQHVSGEIMGGHAIRILGWGVENGTPYWLVGNSWNTDWGDNGFFKILRGQDHC
GIESEIVAGMPCTHQY
;
_entity_poly.pdbx_strand_id   A
#
# COMPACT_ATOMS: atom_id res chain seq x y z
N LEU A 1 -23.38 -2.10 -9.12
CA LEU A 1 -22.27 -2.58 -8.25
C LEU A 1 -22.86 -3.21 -6.99
N PRO A 2 -22.22 -4.26 -6.47
CA PRO A 2 -22.71 -4.91 -5.25
C PRO A 2 -22.66 -3.97 -4.05
N GLU A 3 -23.43 -4.26 -3.01
CA GLU A 3 -23.43 -3.42 -1.82
C GLU A 3 -22.08 -3.58 -1.11
N SER A 4 -21.53 -4.79 -1.18
CA SER A 4 -20.24 -5.10 -0.56
C SER A 4 -19.29 -5.67 -1.59
N PHE A 5 -18.01 -5.68 -1.25
CA PHE A 5 -16.98 -6.22 -2.14
C PHE A 5 -15.65 -6.33 -1.40
N ASP A 6 -15.10 -7.54 -1.40
CA ASP A 6 -13.81 -7.80 -0.73
C ASP A 6 -12.89 -8.45 -1.76
N ALA A 7 -11.88 -7.72 -2.20
CA ALA A 7 -10.93 -8.23 -3.19
C ALA A 7 -10.26 -9.53 -2.76
N ARG A 8 -10.19 -9.74 -1.44
CA ARG A 8 -9.58 -10.95 -0.93
C ARG A 8 -10.40 -12.18 -1.30
N GLU A 9 -11.72 -12.02 -1.29
CA GLU A 9 -12.64 -13.10 -1.63
C GLU A 9 -12.83 -13.25 -3.14
N GLN A 10 -12.87 -12.13 -3.85
CA GLN A 10 -13.06 -12.12 -5.30
C GLN A 10 -11.89 -12.68 -6.10
N TRP A 11 -10.67 -12.59 -5.56
CA TRP A 11 -9.48 -13.12 -6.24
C TRP A 11 -8.70 -14.04 -5.29
N PRO A 12 -9.25 -15.24 -5.01
CA PRO A 12 -8.68 -16.27 -4.14
C PRO A 12 -7.27 -16.70 -4.51
N ASN A 13 -6.92 -16.60 -5.79
CA ASN A 13 -5.60 -17.01 -6.25
C ASN A 13 -4.53 -15.94 -6.06
N CYS A 14 -4.91 -14.83 -5.45
CA CYS A 14 -3.95 -13.75 -5.24
C CYS A 14 -3.77 -13.45 -3.76
N PRO A 15 -2.99 -14.29 -3.06
CA PRO A 15 -2.74 -14.12 -1.62
C PRO A 15 -2.12 -12.80 -1.19
N THR A 16 -1.44 -12.09 -2.08
CA THR A 16 -0.85 -10.82 -1.66
C THR A 16 -1.97 -9.87 -1.22
N ILE A 17 -3.15 -10.03 -1.82
CA ILE A 17 -4.29 -9.18 -1.50
C ILE A 17 -4.68 -9.21 -0.02
N LYS A 18 -4.38 -10.31 0.66
CA LYS A 18 -4.76 -10.39 2.06
C LYS A 18 -3.60 -10.20 3.03
N GLU A 19 -2.41 -9.97 2.50
CA GLU A 19 -1.25 -9.79 3.38
C GLU A 19 -1.06 -8.33 3.78
N ILE A 20 -0.49 -8.14 4.96
CA ILE A 20 -0.25 -6.81 5.51
C ILE A 20 1.27 -6.69 5.70
N ARG A 21 1.83 -5.57 5.26
CA ARG A 21 3.26 -5.34 5.38
C ARG A 21 3.55 -4.39 6.55
N ASP A 22 4.83 -4.12 6.78
CA ASP A 22 5.25 -3.21 7.84
C ASP A 22 6.31 -2.27 7.28
N GLN A 23 5.96 -0.99 7.17
CA GLN A 23 6.87 0.01 6.61
C GLN A 23 8.04 0.35 7.54
N GLY A 24 7.96 -0.10 8.80
CA GLY A 24 9.03 0.19 9.74
C GLY A 24 9.07 1.65 10.16
N SER A 25 10.20 2.08 10.71
CA SER A 25 10.36 3.47 11.14
C SER A 25 10.79 4.29 9.92
N CYS A 26 9.84 4.54 9.03
CA CYS A 26 10.10 5.28 7.80
C CYS A 26 8.78 5.78 7.20
N GLY A 27 8.77 7.01 6.71
CA GLY A 27 7.57 7.57 6.12
C GLY A 27 7.40 7.12 4.69
N SER A 28 7.46 5.80 4.49
CA SER A 28 7.34 5.20 3.17
C SER A 28 5.96 4.64 2.80
N CYS A 29 4.91 5.16 3.42
CA CYS A 29 3.56 4.68 3.11
C CYS A 29 3.23 4.85 1.64
N TRP A 30 3.70 5.95 1.06
CA TRP A 30 3.45 6.25 -0.35
C TRP A 30 3.94 5.09 -1.23
N ALA A 31 5.07 4.51 -0.85
CA ALA A 31 5.67 3.41 -1.59
C ALA A 31 4.99 2.08 -1.28
N PHE A 32 4.62 1.87 -0.02
CA PHE A 32 3.96 0.62 0.34
C PHE A 32 2.58 0.47 -0.27
N GLY A 33 1.78 1.52 -0.20
CA GLY A 33 0.44 1.45 -0.77
C GLY A 33 0.51 1.15 -2.26
N ALA A 34 1.59 1.57 -2.89
CA ALA A 34 1.77 1.36 -4.32
C ALA A 34 2.18 -0.07 -4.66
N VAL A 35 3.29 -0.54 -4.11
CA VAL A 35 3.78 -1.88 -4.41
C VAL A 35 2.82 -2.98 -3.97
N GLU A 36 2.01 -2.70 -2.95
CA GLU A 36 1.05 -3.67 -2.47
C GLU A 36 -0.05 -3.86 -3.52
N ALA A 37 -0.63 -2.75 -3.96
CA ALA A 37 -1.68 -2.78 -4.97
C ALA A 37 -1.12 -3.28 -6.29
N ILE A 38 0.12 -2.91 -6.59
CA ILE A 38 0.76 -3.34 -7.82
C ILE A 38 0.97 -4.87 -7.77
N SER A 39 1.31 -5.37 -6.59
CA SER A 39 1.50 -6.81 -6.43
C SER A 39 0.15 -7.48 -6.71
N ASP A 40 -0.91 -6.93 -6.12
CA ASP A 40 -2.26 -7.46 -6.31
C ASP A 40 -2.60 -7.52 -7.81
N ARG A 41 -2.43 -6.38 -8.49
CA ARG A 41 -2.75 -6.29 -9.90
C ARG A 41 -1.92 -7.15 -10.84
N ILE A 42 -0.66 -7.39 -10.50
CA ILE A 42 0.16 -8.24 -11.35
C ILE A 42 -0.46 -9.63 -11.32
N CYS A 43 -0.95 -10.04 -10.16
CA CYS A 43 -1.57 -11.35 -10.02
C CYS A 43 -2.94 -11.40 -10.70
N ILE A 44 -3.70 -10.32 -10.58
CA ILE A 44 -5.03 -10.26 -11.17
C ILE A 44 -5.01 -10.23 -12.68
N HIS A 45 -4.08 -9.48 -13.25
CA HIS A 45 -3.99 -9.35 -14.71
C HIS A 45 -2.83 -10.08 -15.40
N SER A 46 -2.76 -11.38 -15.19
CA SER A 46 -1.74 -12.24 -15.79
C SER A 46 -1.86 -13.61 -15.13
N ASN A 47 -3.08 -14.13 -15.14
CA ASN A 47 -3.38 -15.44 -14.55
C ASN A 47 -3.88 -16.38 -15.64
N VAL A 50 0.08 -15.53 -11.36
CA VAL A 50 1.50 -15.39 -11.09
C VAL A 50 1.74 -14.50 -9.88
N ASN A 51 2.31 -15.06 -8.83
CA ASN A 51 2.57 -14.31 -7.60
C ASN A 51 3.95 -13.68 -7.51
N VAL A 52 3.96 -12.39 -7.20
CA VAL A 52 5.19 -11.64 -7.06
C VAL A 52 5.08 -10.57 -5.99
N GLU A 53 5.99 -10.61 -5.02
CA GLU A 53 6.05 -9.63 -3.96
C GLU A 53 6.84 -8.47 -4.53
N VAL A 54 6.15 -7.42 -4.97
CA VAL A 54 6.85 -6.28 -5.54
C VAL A 54 7.63 -5.59 -4.42
N SER A 55 8.90 -5.33 -4.69
CA SER A 55 9.81 -4.72 -3.72
C SER A 55 9.49 -3.29 -3.30
N ALA A 56 9.20 -3.10 -2.01
CA ALA A 56 8.94 -1.77 -1.47
C ALA A 56 10.28 -1.06 -1.41
N GLU A 57 11.33 -1.84 -1.22
CA GLU A 57 12.70 -1.35 -1.16
C GLU A 57 13.10 -0.65 -2.45
N ASP A 58 12.82 -1.31 -3.57
CA ASP A 58 13.15 -0.77 -4.88
C ASP A 58 12.41 0.55 -5.12
N MET A 59 11.13 0.58 -4.75
CA MET A 59 10.31 1.77 -4.94
C MET A 59 10.79 2.92 -4.07
N LEU A 60 10.93 2.61 -2.78
CA LEU A 60 11.35 3.58 -1.78
C LEU A 60 12.72 4.22 -2.06
N THR A 61 13.69 3.40 -2.46
CA THR A 61 15.06 3.88 -2.67
C THR A 61 15.48 4.35 -4.06
N CYS A 62 14.86 3.83 -5.12
CA CYS A 62 15.28 4.22 -6.45
C CYS A 62 14.45 5.21 -7.25
N CYS A 63 13.22 5.49 -6.82
CA CYS A 63 12.42 6.42 -7.59
C CYS A 63 12.96 7.85 -7.58
N GLY A 64 13.44 8.30 -6.44
CA GLY A 64 13.99 9.64 -6.36
C GLY A 64 12.96 10.76 -6.30
N GLY A 65 13.38 11.97 -6.68
CA GLY A 65 12.51 13.12 -6.65
C GLY A 65 11.15 12.98 -7.33
N GLU A 66 11.10 12.21 -8.40
CA GLU A 66 9.85 12.02 -9.12
C GLU A 66 8.76 11.51 -8.16
N CYS A 67 9.18 10.86 -7.08
CA CYS A 67 8.22 10.34 -6.09
C CYS A 67 8.25 11.07 -4.77
N GLY A 68 9.10 12.09 -4.65
CA GLY A 68 9.15 12.82 -3.41
C GLY A 68 10.45 12.73 -2.66
N ASP A 69 10.38 12.34 -1.38
CA ASP A 69 11.58 12.28 -0.56
C ASP A 69 11.72 11.03 0.32
N GLY A 70 11.66 9.86 -0.29
CA GLY A 70 11.82 8.61 0.46
C GLY A 70 11.13 8.48 1.81
N CYS A 71 11.91 8.26 2.86
CA CYS A 71 11.33 8.10 4.19
C CYS A 71 10.71 9.37 4.74
N ASN A 72 10.81 10.45 3.98
CA ASN A 72 10.24 11.72 4.40
C ASN A 72 8.87 11.96 3.77
N GLY A 73 8.43 11.01 2.96
CA GLY A 73 7.14 11.15 2.30
C GLY A 73 7.26 11.18 0.80
N GLY A 74 6.19 10.83 0.12
CA GLY A 74 6.22 10.81 -1.34
C GLY A 74 4.87 11.03 -1.98
N PHE A 75 4.84 10.93 -3.30
CA PHE A 75 3.62 11.13 -4.08
C PHE A 75 3.17 9.81 -4.67
N PRO A 76 2.01 9.30 -4.24
CA PRO A 76 1.49 8.03 -4.74
C PRO A 76 1.50 7.89 -6.27
N SER A 77 0.97 8.89 -6.99
CA SER A 77 0.93 8.84 -8.44
C SER A 77 2.34 8.76 -9.03
N GLY A 78 3.32 9.34 -8.33
CA GLY A 78 4.68 9.29 -8.81
C GLY A 78 5.19 7.86 -8.75
N ALA A 79 4.78 7.14 -7.71
CA ALA A 79 5.18 5.74 -7.53
C ALA A 79 4.71 4.85 -8.67
N TRP A 80 3.46 5.02 -9.11
CA TRP A 80 2.94 4.23 -10.21
C TRP A 80 3.61 4.61 -11.53
N ASN A 81 4.14 5.82 -11.60
CA ASN A 81 4.84 6.29 -12.80
C ASN A 81 6.16 5.56 -12.90
N PHE A 82 6.85 5.46 -11.76
CA PHE A 82 8.13 4.79 -11.70
C PHE A 82 7.99 3.34 -12.17
N TRP A 83 6.87 2.71 -11.79
CA TRP A 83 6.59 1.33 -12.17
C TRP A 83 6.49 1.18 -13.69
N THR A 84 5.99 2.21 -14.38
CA THR A 84 5.86 2.17 -15.82
C THR A 84 7.16 2.62 -16.50
N LYS A 85 7.95 3.42 -15.80
CA LYS A 85 9.20 3.94 -16.34
C LYS A 85 10.38 3.01 -16.14
N LYS A 86 10.70 2.71 -14.88
CA LYS A 86 11.83 1.85 -14.56
C LYS A 86 11.44 0.44 -14.15
N GLY A 87 10.16 0.24 -13.85
CA GLY A 87 9.71 -1.08 -13.43
C GLY A 87 10.15 -1.32 -12.00
N LEU A 88 9.73 -2.44 -11.43
CA LEU A 88 10.07 -2.78 -10.05
C LEU A 88 10.46 -4.25 -9.93
N VAL A 89 11.50 -4.54 -9.16
CA VAL A 89 11.93 -5.92 -8.96
C VAL A 89 11.14 -6.49 -7.79
N SER A 90 11.33 -7.78 -7.53
CA SER A 90 10.63 -8.45 -6.43
C SER A 90 11.40 -8.26 -5.13
N GLY A 91 10.70 -8.42 -4.01
CA GLY A 91 11.34 -8.27 -2.71
C GLY A 91 10.28 -8.45 -1.62
N GLY A 92 10.59 -9.25 -0.62
CA GLY A 92 9.64 -9.49 0.44
C GLY A 92 9.91 -8.76 1.75
N LEU A 93 9.35 -9.31 2.82
CA LEU A 93 9.48 -8.74 4.15
C LEU A 93 10.93 -8.64 4.61
N TYR A 94 11.13 -7.84 5.64
CA TYR A 94 12.45 -7.66 6.20
C TYR A 94 12.98 -8.99 6.71
N ASN A 95 14.20 -9.34 6.31
CA ASN A 95 14.83 -10.58 6.74
C ASN A 95 14.21 -11.86 6.17
N SER A 96 13.36 -11.72 5.17
CA SER A 96 12.70 -12.88 4.56
C SER A 96 13.59 -13.56 3.51
N HIS A 97 14.55 -12.82 2.98
CA HIS A 97 15.44 -13.34 1.94
C HIS A 97 14.62 -13.76 0.72
N VAL A 98 13.45 -13.15 0.56
CA VAL A 98 12.59 -13.42 -0.58
C VAL A 98 12.72 -12.33 -1.66
N GLY A 99 12.95 -12.77 -2.90
CA GLY A 99 13.05 -11.82 -4.01
C GLY A 99 14.36 -11.08 -4.16
N CYS A 100 14.42 -10.27 -5.21
CA CYS A 100 15.61 -9.49 -5.52
C CYS A 100 16.02 -8.55 -4.39
N ARG A 101 15.10 -7.72 -3.90
CA ARG A 101 15.41 -6.77 -2.83
C ARG A 101 14.41 -6.75 -1.67
N PRO A 102 14.64 -7.58 -0.63
CA PRO A 102 13.74 -7.62 0.53
C PRO A 102 13.83 -6.28 1.25
N TYR A 103 12.77 -5.90 1.96
CA TYR A 103 12.75 -4.63 2.70
C TYR A 103 13.88 -4.64 3.74
N SER A 104 14.66 -3.56 3.80
CA SER A 104 15.77 -3.50 4.74
C SER A 104 15.51 -2.79 6.06
N ILE A 105 14.30 -2.28 6.24
CA ILE A 105 13.97 -1.58 7.48
C ILE A 105 13.16 -2.51 8.38
N PRO A 106 13.66 -2.77 9.60
CA PRO A 106 13.06 -3.64 10.63
C PRO A 106 11.62 -3.34 11.00
N PRO A 107 10.80 -4.39 11.18
CA PRO A 107 9.40 -4.16 11.56
C PRO A 107 9.38 -3.63 13.00
N CYS A 108 8.33 -2.90 13.36
CA CYS A 108 8.24 -2.33 14.70
C CYS A 108 6.79 -2.13 15.13
N GLU A 109 6.59 -1.77 16.41
CA GLU A 109 5.25 -1.55 16.94
C GLU A 109 4.75 -0.16 16.57
N HIS A 110 3.67 -0.11 15.80
CA HIS A 110 3.10 1.16 15.37
C HIS A 110 1.92 1.56 16.25
N HIS A 111 2.18 2.45 17.20
CA HIS A 111 1.16 2.94 18.12
C HIS A 111 0.42 1.87 18.90
N VAL A 112 1.13 0.79 19.22
CA VAL A 112 0.60 -0.32 20.00
C VAL A 112 1.78 -0.95 20.70
N ASN A 113 1.51 -1.73 21.75
CA ASN A 113 2.57 -2.41 22.46
C ASN A 113 2.69 -3.79 21.82
N GLY A 114 3.87 -4.40 21.92
CA GLY A 114 4.07 -5.71 21.33
C GLY A 114 5.46 -6.23 21.63
N SER A 115 5.83 -7.34 21.00
CA SER A 115 7.15 -7.94 21.23
C SER A 115 8.25 -7.28 20.41
N ARG A 116 7.87 -6.50 19.41
CA ARG A 116 8.84 -5.82 18.58
C ARG A 116 9.20 -4.47 19.18
N PRO A 117 10.33 -3.88 18.75
CA PRO A 117 10.74 -2.59 19.29
C PRO A 117 9.74 -1.52 18.82
N PRO A 118 9.51 -0.49 19.65
CA PRO A 118 8.57 0.55 19.22
C PRO A 118 9.15 1.30 18.02
N CYS A 119 8.29 1.73 17.10
CA CYS A 119 8.77 2.46 15.93
C CYS A 119 9.32 3.79 16.40
N THR A 120 10.41 4.23 15.79
CA THR A 120 11.03 5.50 16.16
C THR A 120 10.69 6.60 15.17
N GLY A 121 9.89 6.28 14.16
CA GLY A 121 9.50 7.26 13.16
C GLY A 121 10.63 7.91 12.39
N GLU A 122 11.77 8.08 13.05
CA GLU A 122 12.93 8.71 12.44
C GLU A 122 13.82 7.65 11.79
N GLY A 123 13.81 7.63 10.45
CA GLY A 123 14.61 6.67 9.72
C GLY A 123 15.09 7.24 8.40
N ASP A 124 16.33 6.93 8.02
CA ASP A 124 16.89 7.42 6.78
C ASP A 124 16.48 6.53 5.62
N THR A 125 16.45 7.12 4.43
CA THR A 125 16.10 6.37 3.23
C THR A 125 17.29 5.51 2.85
N PRO A 126 17.08 4.19 2.71
CA PRO A 126 18.18 3.30 2.34
C PRO A 126 18.69 3.68 0.94
N LYS A 127 19.89 3.22 0.60
CA LYS A 127 20.48 3.50 -0.72
C LYS A 127 19.76 2.77 -1.85
N CYS A 128 19.84 3.35 -3.06
CA CYS A 128 19.24 2.72 -4.22
C CYS A 128 20.36 1.84 -4.81
N SER A 129 20.28 0.55 -4.53
CA SER A 129 21.25 -0.41 -5.02
C SER A 129 20.61 -1.25 -6.12
N LYS A 130 21.20 -1.21 -7.32
CA LYS A 130 20.66 -1.96 -8.43
C LYS A 130 21.27 -3.34 -8.59
N THR A 131 21.12 -4.15 -7.55
CA THR A 131 21.62 -5.52 -7.52
C THR A 131 20.69 -6.31 -6.63
N CYS A 132 20.61 -7.62 -6.84
CA CYS A 132 19.74 -8.45 -6.02
C CYS A 132 20.51 -9.04 -4.86
N GLU A 133 19.77 -9.63 -3.92
CA GLU A 133 20.38 -10.24 -2.76
C GLU A 133 21.22 -11.43 -3.23
N PRO A 134 22.27 -11.78 -2.49
CA PRO A 134 23.08 -12.92 -2.91
C PRO A 134 22.26 -14.20 -2.97
N GLY A 135 22.46 -14.99 -4.01
CA GLY A 135 21.73 -16.23 -4.15
C GLY A 135 20.49 -16.16 -5.03
N TYR A 136 19.96 -14.95 -5.23
CA TYR A 136 18.76 -14.78 -6.05
C TYR A 136 19.06 -14.65 -7.54
N SER A 137 18.10 -15.04 -8.37
CA SER A 137 18.20 -14.96 -9.83
C SER A 137 16.81 -14.65 -10.36
N PRO A 138 16.72 -13.92 -11.49
CA PRO A 138 17.81 -13.37 -12.28
C PRO A 138 18.44 -12.11 -11.69
N SER A 139 19.18 -11.39 -12.52
CA SER A 139 19.83 -10.15 -12.10
C SER A 139 18.81 -9.04 -11.91
N TYR A 140 19.23 -7.98 -11.24
CA TYR A 140 18.38 -6.83 -10.98
C TYR A 140 17.59 -6.36 -12.21
N LYS A 141 18.29 -6.10 -13.31
CA LYS A 141 17.66 -5.64 -14.53
C LYS A 141 16.68 -6.65 -15.12
N GLU A 142 17.02 -7.92 -15.04
CA GLU A 142 16.16 -8.99 -15.56
C GLU A 142 14.93 -9.23 -14.69
N ASP A 143 14.95 -8.74 -13.46
CA ASP A 143 13.84 -8.95 -12.53
C ASP A 143 12.82 -7.82 -12.47
N LYS A 144 12.99 -6.81 -13.32
CA LYS A 144 12.08 -5.68 -13.35
C LYS A 144 10.68 -6.01 -13.90
N HIS A 145 9.64 -5.59 -13.18
CA HIS A 145 8.27 -5.80 -13.63
C HIS A 145 7.73 -4.42 -14.01
N PHE A 146 7.29 -4.28 -15.25
CA PHE A 146 6.80 -3.00 -15.71
C PHE A 146 5.29 -2.82 -15.73
N GLY A 147 4.87 -1.58 -15.55
CA GLY A 147 3.48 -1.23 -15.60
C GLY A 147 3.32 -0.62 -16.97
N CYS A 148 2.14 -0.74 -17.58
CA CYS A 148 1.93 -0.19 -18.90
C CYS A 148 1.01 1.03 -18.90
N SER A 149 0.56 1.42 -17.71
CA SER A 149 -0.29 2.60 -17.55
C SER A 149 -0.33 3.00 -16.09
N SER A 150 -0.39 4.31 -15.85
CA SER A 150 -0.44 4.90 -14.51
C SER A 150 -1.48 6.01 -14.56
N TYR A 151 -2.53 5.91 -13.77
CA TYR A 151 -3.57 6.92 -13.81
C TYR A 151 -4.19 7.29 -12.47
N SER A 152 -4.98 8.37 -12.50
CA SER A 152 -5.64 8.86 -11.29
C SER A 152 -7.14 8.67 -11.43
N VAL A 153 -7.77 8.11 -10.40
CA VAL A 153 -9.21 7.90 -10.43
C VAL A 153 -9.87 9.11 -9.78
N ALA A 154 -10.93 9.59 -10.43
CA ALA A 154 -11.66 10.77 -9.96
C ALA A 154 -12.19 10.63 -8.52
N ASN A 155 -12.38 11.78 -7.87
CA ASN A 155 -12.92 11.84 -6.51
C ASN A 155 -14.41 11.53 -6.68
N ASN A 156 -14.69 10.30 -7.06
CA ASN A 156 -16.05 9.84 -7.31
C ASN A 156 -16.24 8.44 -6.77
N GLU A 157 -17.04 8.34 -5.71
CA GLU A 157 -17.33 7.07 -5.04
C GLU A 157 -17.62 5.90 -5.99
N LYS A 158 -18.58 6.09 -6.88
CA LYS A 158 -18.95 5.04 -7.82
C LYS A 158 -17.82 4.66 -8.78
N GLU A 159 -17.07 5.65 -9.26
CA GLU A 159 -15.98 5.36 -10.17
C GLU A 159 -14.84 4.62 -9.46
N ILE A 160 -14.61 4.95 -8.20
CA ILE A 160 -13.56 4.30 -7.42
C ILE A 160 -13.96 2.85 -7.16
N MET A 161 -15.25 2.62 -6.95
CA MET A 161 -15.77 1.28 -6.71
C MET A 161 -15.67 0.48 -8.01
N ALA A 162 -16.01 1.11 -9.13
CA ALA A 162 -15.96 0.44 -10.42
C ALA A 162 -14.52 0.08 -10.76
N GLU A 163 -13.59 0.98 -10.46
CA GLU A 163 -12.17 0.72 -10.75
C GLU A 163 -11.69 -0.50 -9.96
N ILE A 164 -12.00 -0.53 -8.67
CA ILE A 164 -11.60 -1.65 -7.80
C ILE A 164 -12.27 -2.94 -8.27
N TYR A 165 -13.59 -2.88 -8.43
CA TYR A 165 -14.40 -4.01 -8.86
C TYR A 165 -13.88 -4.67 -10.13
N LYS A 166 -13.38 -3.86 -11.04
CA LYS A 166 -12.89 -4.37 -12.30
C LYS A 166 -11.40 -4.66 -12.40
N ASN A 167 -10.56 -3.79 -11.86
CA ASN A 167 -9.12 -3.97 -11.97
C ASN A 167 -8.34 -4.32 -10.72
N GLY A 168 -9.00 -4.34 -9.58
CA GLY A 168 -8.32 -4.69 -8.35
C GLY A 168 -8.05 -3.52 -7.42
N PRO A 169 -7.40 -3.78 -6.26
CA PRO A 169 -7.06 -2.76 -5.26
C PRO A 169 -6.32 -1.56 -5.83
N VAL A 170 -6.60 -0.39 -5.27
CA VAL A 170 -5.97 0.85 -5.70
C VAL A 170 -5.26 1.46 -4.51
N GLU A 171 -4.55 2.56 -4.74
CA GLU A 171 -3.87 3.26 -3.67
C GLU A 171 -4.61 4.56 -3.42
N GLY A 172 -4.71 4.93 -2.15
CA GLY A 172 -5.39 6.16 -1.80
C GLY A 172 -4.63 6.84 -0.67
N ALA A 173 -5.13 7.99 -0.24
CA ALA A 173 -4.49 8.72 0.84
C ALA A 173 -5.53 9.51 1.62
N PHE A 174 -5.25 9.73 2.91
CA PHE A 174 -6.15 10.49 3.75
C PHE A 174 -5.37 11.20 4.86
N SER A 175 -6.02 12.19 5.49
CA SER A 175 -5.41 12.93 6.59
C SER A 175 -5.56 12.08 7.85
N VAL A 176 -4.45 11.73 8.47
CA VAL A 176 -4.50 10.94 9.70
C VAL A 176 -4.48 11.87 10.90
N TYR A 177 -5.43 11.65 11.81
CA TYR A 177 -5.51 12.44 13.04
C TYR A 177 -5.22 11.48 14.19
N SER A 178 -4.83 12.02 15.34
CA SER A 178 -4.47 11.17 16.47
C SER A 178 -5.49 10.11 16.90
N ASP A 179 -6.78 10.38 16.72
CA ASP A 179 -7.78 9.37 17.12
C ASP A 179 -7.76 8.13 16.23
N PHE A 180 -7.15 8.22 15.06
CA PHE A 180 -7.07 7.08 14.15
C PHE A 180 -6.02 6.09 14.63
N LEU A 181 -5.01 6.57 15.33
CA LEU A 181 -3.93 5.72 15.82
C LEU A 181 -4.41 4.60 16.74
N LEU A 182 -5.52 4.84 17.43
CA LEU A 182 -6.06 3.86 18.37
C LEU A 182 -7.17 3.00 17.80
N TYR A 183 -7.33 3.03 16.48
CA TYR A 183 -8.37 2.25 15.81
C TYR A 183 -8.25 0.75 16.12
N LYS A 184 -9.39 0.11 16.35
CA LYS A 184 -9.44 -1.33 16.63
C LYS A 184 -10.45 -2.04 15.75
N SER A 185 -11.65 -1.47 15.65
CA SER A 185 -12.70 -2.06 14.83
C SER A 185 -13.78 -1.04 14.46
N GLY A 186 -14.76 -1.50 13.69
CA GLY A 186 -15.83 -0.62 13.27
C GLY A 186 -15.40 0.32 12.16
N VAL A 187 -16.31 1.22 11.78
CA VAL A 187 -16.02 2.18 10.73
C VAL A 187 -15.42 3.44 11.32
N TYR A 188 -14.17 3.72 10.97
CA TYR A 188 -13.51 4.91 11.48
C TYR A 188 -14.08 6.21 10.97
N GLN A 189 -14.22 7.15 11.89
CA GLN A 189 -14.71 8.49 11.61
C GLN A 189 -13.95 9.44 12.53
N HIS A 190 -13.30 10.42 11.92
CA HIS A 190 -12.52 11.41 12.65
C HIS A 190 -13.38 12.36 13.49
N VAL A 191 -13.23 12.30 14.81
CA VAL A 191 -14.01 13.18 15.68
C VAL A 191 -13.11 14.10 16.52
N SER A 192 -11.85 13.71 16.71
CA SER A 192 -10.93 14.51 17.49
C SER A 192 -9.46 14.15 17.25
N GLY A 193 -8.57 14.98 17.78
CA GLY A 193 -7.14 14.72 17.64
C GLY A 193 -6.41 15.63 16.67
N GLU A 194 -5.16 15.95 17.01
CA GLU A 194 -4.35 16.81 16.16
C GLU A 194 -3.90 16.04 14.92
N ILE A 195 -3.70 16.77 13.82
CA ILE A 195 -3.28 16.14 12.57
C ILE A 195 -1.86 15.60 12.69
N MET A 196 -1.69 14.35 12.28
CA MET A 196 -0.39 13.67 12.34
C MET A 196 0.30 13.74 10.97
N GLY A 197 -0.49 13.90 9.91
CA GLY A 197 0.07 13.99 8.58
C GLY A 197 -0.73 13.19 7.55
N GLY A 198 -0.29 13.23 6.29
CA GLY A 198 -0.95 12.50 5.23
C GLY A 198 -0.50 11.04 5.30
N HIS A 199 -1.32 10.12 4.84
CA HIS A 199 -0.97 8.71 4.89
C HIS A 199 -1.54 7.97 3.68
N ALA A 200 -0.66 7.32 2.93
CA ALA A 200 -1.07 6.57 1.75
C ALA A 200 -1.32 5.12 2.17
N ILE A 201 -2.39 4.54 1.62
CA ILE A 201 -2.76 3.17 1.94
C ILE A 201 -3.33 2.41 0.74
N ARG A 202 -3.77 1.18 0.99
CA ARG A 202 -4.34 0.33 -0.06
C ARG A 202 -5.82 0.04 0.19
N ILE A 203 -6.67 0.44 -0.76
CA ILE A 203 -8.11 0.20 -0.63
C ILE A 203 -8.48 -1.02 -1.47
N LEU A 204 -8.94 -2.07 -0.81
CA LEU A 204 -9.27 -3.31 -1.50
C LEU A 204 -10.73 -3.74 -1.48
N GLY A 205 -11.63 -2.83 -1.11
CA GLY A 205 -13.03 -3.18 -1.07
C GLY A 205 -13.92 -2.16 -0.37
N TRP A 206 -15.15 -2.56 -0.08
CA TRP A 206 -16.10 -1.68 0.58
C TRP A 206 -17.27 -2.51 1.07
N GLY A 207 -18.07 -1.93 1.94
CA GLY A 207 -19.24 -2.61 2.47
C GLY A 207 -20.07 -1.65 3.29
N VAL A 208 -20.99 -2.20 4.09
CA VAL A 208 -21.85 -1.39 4.94
C VAL A 208 -21.92 -2.04 6.31
N GLU A 209 -21.63 -1.27 7.35
CA GLU A 209 -21.68 -1.80 8.71
C GLU A 209 -22.63 -0.97 9.56
N ASN A 210 -23.76 -1.57 9.91
CA ASN A 210 -24.76 -0.90 10.71
C ASN A 210 -25.23 0.39 10.05
N GLY A 211 -25.54 0.31 8.77
CA GLY A 211 -26.00 1.46 8.03
C GLY A 211 -24.91 2.43 7.61
N THR A 212 -23.68 2.22 8.10
CA THR A 212 -22.57 3.09 7.76
C THR A 212 -21.71 2.53 6.64
N PRO A 213 -21.71 3.19 5.47
CA PRO A 213 -20.91 2.73 4.33
C PRO A 213 -19.42 2.95 4.61
N TYR A 214 -18.58 2.03 4.15
CA TYR A 214 -17.16 2.15 4.40
C TYR A 214 -16.30 1.59 3.28
N TRP A 215 -15.00 1.86 3.37
CA TRP A 215 -14.00 1.36 2.45
C TRP A 215 -13.20 0.34 3.24
N LEU A 216 -12.78 -0.75 2.60
CA LEU A 216 -11.98 -1.78 3.26
C LEU A 216 -10.53 -1.42 2.95
N VAL A 217 -9.76 -1.07 3.97
CA VAL A 217 -8.37 -0.66 3.78
C VAL A 217 -7.30 -1.47 4.50
N GLY A 218 -6.16 -1.62 3.83
CA GLY A 218 -5.03 -2.32 4.41
C GLY A 218 -3.95 -1.31 4.77
N ASN A 219 -3.57 -1.27 6.04
CA ASN A 219 -2.53 -0.35 6.48
C ASN A 219 -1.17 -1.05 6.40
N SER A 220 -0.09 -0.31 6.60
CA SER A 220 1.24 -0.91 6.55
C SER A 220 1.98 -0.75 7.89
N TRP A 221 1.25 -0.98 8.96
CA TRP A 221 1.77 -0.89 10.32
C TRP A 221 1.75 -2.26 11.00
N ASN A 222 1.93 -3.31 10.20
CA ASN A 222 1.94 -4.69 10.68
C ASN A 222 0.53 -5.16 11.06
N THR A 223 0.41 -6.44 11.40
CA THR A 223 -0.87 -7.04 11.73
C THR A 223 -1.37 -6.84 13.16
N ASP A 224 -0.49 -6.48 14.07
CA ASP A 224 -0.94 -6.28 15.45
C ASP A 224 -1.51 -4.88 15.69
N TRP A 225 -1.67 -4.11 14.61
CA TRP A 225 -2.26 -2.78 14.71
C TRP A 225 -3.66 -2.87 14.13
N GLY A 226 -4.57 -2.06 14.66
CA GLY A 226 -5.94 -2.05 14.17
C GLY A 226 -6.61 -3.41 14.14
N ASP A 227 -7.33 -3.69 13.06
CA ASP A 227 -8.04 -4.95 12.92
C ASP A 227 -7.21 -5.91 12.05
N ASN A 228 -6.21 -6.54 12.67
CA ASN A 228 -5.34 -7.47 11.97
C ASN A 228 -4.59 -6.76 10.85
N GLY A 229 -4.35 -5.47 11.04
CA GLY A 229 -3.65 -4.69 10.02
C GLY A 229 -4.57 -3.86 9.13
N PHE A 230 -5.82 -4.30 9.00
CA PHE A 230 -6.80 -3.59 8.17
C PHE A 230 -7.65 -2.64 9.02
N PHE A 231 -8.43 -1.80 8.34
CA PHE A 231 -9.35 -0.90 9.02
C PHE A 231 -10.44 -0.49 8.05
N LYS A 232 -11.53 0.03 8.59
CA LYS A 232 -12.65 0.47 7.78
C LYS A 232 -12.79 1.97 7.99
N ILE A 233 -13.11 2.69 6.92
CA ILE A 233 -13.23 4.12 7.01
C ILE A 233 -14.49 4.58 6.25
N LEU A 234 -15.16 5.58 6.79
CA LEU A 234 -16.39 6.13 6.21
C LEU A 234 -16.25 6.39 4.71
N ARG A 235 -17.22 5.90 3.94
CA ARG A 235 -17.23 6.05 2.49
C ARG A 235 -18.37 6.94 1.98
N GLY A 236 -18.11 7.69 0.91
CA GLY A 236 -19.14 8.54 0.33
C GLY A 236 -19.10 10.02 0.63
N GLN A 237 -18.35 10.43 1.66
CA GLN A 237 -18.27 11.85 2.01
C GLN A 237 -16.86 12.40 1.94
N ASP A 238 -16.00 11.72 1.17
CA ASP A 238 -14.60 12.11 1.03
C ASP A 238 -13.98 12.42 2.39
N HIS A 239 -14.40 11.64 3.38
CA HIS A 239 -13.95 11.78 4.76
C HIS A 239 -12.43 11.73 4.87
N CYS A 240 -11.84 12.79 5.41
CA CYS A 240 -10.39 12.88 5.57
C CYS A 240 -9.68 12.79 4.23
N GLY A 241 -10.43 13.01 3.15
CA GLY A 241 -9.87 12.98 1.81
C GLY A 241 -9.61 11.58 1.26
N ILE A 242 -10.28 10.59 1.83
CA ILE A 242 -10.08 9.21 1.40
C ILE A 242 -10.39 8.96 -0.07
N GLU A 243 -11.25 9.78 -0.66
CA GLU A 243 -11.63 9.62 -2.06
C GLU A 243 -10.96 10.66 -2.98
N SER A 244 -10.21 11.58 -2.39
CA SER A 244 -9.57 12.66 -3.14
C SER A 244 -8.26 12.34 -3.84
N GLU A 245 -7.69 11.16 -3.60
CA GLU A 245 -6.42 10.84 -4.24
C GLU A 245 -6.21 9.37 -4.59
N ILE A 246 -7.14 8.80 -5.36
CA ILE A 246 -7.01 7.41 -5.76
C ILE A 246 -6.15 7.32 -7.02
N VAL A 247 -5.18 6.40 -7.01
CA VAL A 247 -4.32 6.22 -8.17
C VAL A 247 -4.13 4.74 -8.40
N ALA A 248 -3.98 4.34 -9.66
CA ALA A 248 -3.79 2.94 -9.99
C ALA A 248 -3.08 2.85 -11.34
N GLY A 249 -3.04 1.64 -11.89
CA GLY A 249 -2.38 1.43 -13.15
C GLY A 249 -2.53 -0.03 -13.53
N MET A 250 -2.16 -0.35 -14.76
CA MET A 250 -2.26 -1.71 -15.26
C MET A 250 -0.90 -2.30 -15.62
N PRO A 251 -0.68 -3.57 -15.28
CA PRO A 251 0.61 -4.19 -15.61
C PRO A 251 0.68 -4.46 -17.11
N CYS A 252 1.89 -4.54 -17.64
CA CYS A 252 2.08 -4.79 -19.07
C CYS A 252 1.55 -6.16 -19.50
N THR A 253 0.88 -6.19 -20.65
CA THR A 253 0.28 -7.39 -21.24
C THR A 253 -0.63 -8.13 -20.26
#